data_7WQQ
#
_entry.id   7WQQ
#
_cell.length_a   88.915
_cell.length_b   64.979
_cell.length_c   49.205
_cell.angle_alpha   90.000
_cell.angle_beta   105.230
_cell.angle_gamma   90.000
#
_symmetry.space_group_name_H-M   'C 1 2 1'
#
loop_
_entity.id
_entity.type
_entity.pdbx_description
1 polymer 'Retinoic acid receptor alpha'
2 polymer 'Peptide from Nuclear receptor coactivator 1'
3 non-polymer '4-[(E)-3-(3,5-ditert-butylphenyl)-3-oxidanylidene-prop-1-enyl]benzoic acid'
4 water water
#
loop_
_entity_poly.entity_id
_entity_poly.type
_entity_poly.pdbx_seq_one_letter_code
_entity_poly.pdbx_strand_id
1 'polypeptide(L)'
;MKSSHHHHHHENLYFQSNAESYTLTPEVGELIEKVRKAHQETFPALCQLGKYTTNNSSEQRVSLDIDLWDKFSELSTKCI
IKTVEFAKQLPGFTTLTIADQITLLKAACLDILILRICTRYTPEQDTMTFSDGLTLNRTQMHHAGFGPLTDLVFAFANQL
LPLEMDDAETGLLSAICLICGDRQDLEQPDRVDMLQEPLLEALKVYVRKRRPSRPHMFPKMLMKITDLRSISAKGAERVI
TLKMEIPGSMPPLIQEMLENSEGLD
;
A
2 'polypeptide(L)' RHKILHRLLQEGS C
#
# COMPACT_ATOMS: atom_id res chain seq x y z
N THR A 25 -7.76 -18.79 -19.89
CA THR A 25 -6.79 -18.50 -18.84
C THR A 25 -5.39 -18.02 -19.32
N PRO A 26 -5.10 -17.96 -20.62
CA PRO A 26 -3.82 -17.33 -21.00
C PRO A 26 -3.84 -15.81 -20.84
N GLU A 27 -4.96 -15.14 -21.15
CA GLU A 27 -5.06 -13.72 -20.82
C GLU A 27 -5.00 -13.50 -19.31
N VAL A 28 -5.60 -14.39 -18.51
CA VAL A 28 -5.53 -14.25 -17.06
C VAL A 28 -4.10 -14.45 -16.58
N GLY A 29 -3.41 -15.47 -17.09
CA GLY A 29 -2.04 -15.70 -16.64
C GLY A 29 -1.12 -14.55 -16.99
N GLU A 30 -1.33 -13.94 -18.16
CA GLU A 30 -0.59 -12.74 -18.52
C GLU A 30 -0.87 -11.60 -17.55
N LEU A 31 -2.14 -11.42 -17.16
CA LEU A 31 -2.44 -10.32 -16.26
C LEU A 31 -1.76 -10.55 -14.91
N ILE A 32 -1.89 -11.76 -14.38
CA ILE A 32 -1.28 -12.04 -13.09
C ILE A 32 0.22 -11.79 -13.13
N GLU A 33 0.87 -12.23 -14.21
CA GLU A 33 2.32 -12.08 -14.28
C GLU A 33 2.71 -10.61 -14.35
N LYS A 34 1.98 -9.84 -15.15
CA LYS A 34 2.22 -8.40 -15.25
C LYS A 34 2.12 -7.72 -13.89
N VAL A 35 1.09 -8.05 -13.13
CA VAL A 35 0.87 -7.42 -11.84
C VAL A 35 1.91 -7.91 -10.83
N ARG A 36 2.17 -9.22 -10.80
CA ARG A 36 3.23 -9.76 -9.96
C ARG A 36 4.55 -9.06 -10.25
N LYS A 37 4.86 -8.89 -11.51
CA LYS A 37 6.13 -8.28 -11.87
C LYS A 37 6.17 -6.83 -11.45
N ALA A 38 5.04 -6.12 -11.61
CA ALA A 38 4.97 -4.70 -11.24
C ALA A 38 5.18 -4.50 -9.74
N HIS A 39 4.55 -5.35 -8.92
CA HIS A 39 4.75 -5.29 -7.48
C HIS A 39 6.18 -5.65 -7.11
N GLN A 40 6.68 -6.76 -7.63
CA GLN A 40 8.03 -7.17 -7.30
C GLN A 40 9.04 -6.08 -7.63
N GLU A 41 8.98 -5.53 -8.85
CA GLU A 41 9.94 -4.52 -9.27
C GLU A 41 9.92 -3.26 -8.39
N THR A 42 8.79 -2.96 -7.75
CA THR A 42 8.63 -1.71 -7.04
C THR A 42 8.54 -1.91 -5.54
N PHE A 43 8.72 -3.16 -5.08
CA PHE A 43 8.62 -3.48 -3.67
C PHE A 43 9.34 -4.78 -3.33
N PRO A 44 10.58 -4.70 -2.86
CA PRO A 44 11.27 -5.91 -2.45
C PRO A 44 10.55 -6.60 -1.29
N ALA A 45 10.68 -7.93 -1.28
CA ALA A 45 10.07 -8.74 -0.24
C ALA A 45 10.93 -8.72 1.02
N LEU A 46 10.29 -8.96 2.15
CA LEU A 46 10.97 -8.95 3.46
C LEU A 46 12.22 -9.82 3.48
N CYS A 47 12.12 -11.03 2.94
CA CYS A 47 13.28 -11.94 2.99
C CYS A 47 14.48 -11.46 2.17
N GLN A 48 14.27 -10.56 1.21
CA GLN A 48 15.37 -10.04 0.38
C GLN A 48 16.18 -8.93 1.05
N LEU A 49 15.66 -8.32 2.11
CA LEU A 49 16.24 -7.11 2.67
C LEU A 49 17.26 -7.40 3.75
N GLY A 50 18.36 -6.64 3.73
CA GLY A 50 19.28 -6.69 4.84
C GLY A 50 18.83 -5.75 5.95
N LYS A 51 18.43 -6.31 7.08
N LYS A 51 18.45 -6.32 7.09
CA LYS A 51 17.88 -5.50 8.15
CA LYS A 51 17.89 -5.53 8.18
C LYS A 51 18.97 -4.73 8.88
C LYS A 51 18.98 -4.75 8.90
N TYR A 52 18.59 -3.58 9.42
CA TYR A 52 19.48 -2.82 10.30
C TYR A 52 18.56 -2.03 11.21
N THR A 53 19.04 -1.74 12.39
CA THR A 53 18.24 -1.15 13.44
C THR A 53 18.83 0.20 13.81
N THR A 54 18.07 0.95 14.61
CA THR A 54 18.58 2.20 15.17
C THR A 54 18.41 2.28 16.69
N ARG A 61 9.36 10.18 26.62
CA ARG A 61 9.57 11.61 26.84
C ARG A 61 8.66 12.43 25.92
N VAL A 62 8.62 12.08 24.64
CA VAL A 62 7.79 12.81 23.67
C VAL A 62 7.22 11.82 22.67
N SER A 63 5.98 12.05 22.25
CA SER A 63 5.29 11.05 21.44
C SER A 63 5.90 10.93 20.05
N LEU A 64 6.26 12.04 19.42
CA LEU A 64 6.86 12.01 18.08
C LEU A 64 8.36 12.29 18.18
N ASP A 65 9.15 11.26 17.87
CA ASP A 65 10.60 11.32 17.81
C ASP A 65 10.96 11.91 16.45
N ILE A 66 11.45 13.15 16.42
CA ILE A 66 11.61 13.79 15.12
C ILE A 66 12.68 13.10 14.26
N ASP A 67 13.65 12.40 14.88
CA ASP A 67 14.64 11.67 14.07
C ASP A 67 14.00 10.49 13.37
N LEU A 68 13.17 9.74 14.09
CA LEU A 68 12.42 8.66 13.45
C LEU A 68 11.41 9.22 12.45
N TRP A 69 10.76 10.35 12.78
CA TRP A 69 9.84 10.93 11.82
C TRP A 69 10.55 11.34 10.54
N ASP A 70 11.74 11.92 10.66
CA ASP A 70 12.47 12.31 9.45
C ASP A 70 12.76 11.11 8.56
N LYS A 71 13.25 10.01 9.13
CA LYS A 71 13.54 8.84 8.30
C LYS A 71 12.25 8.24 7.75
N PHE A 72 11.23 8.14 8.59
CA PHE A 72 9.96 7.57 8.20
C PHE A 72 9.32 8.35 7.04
N SER A 73 9.35 9.67 7.11
CA SER A 73 8.74 10.44 6.03
C SER A 73 9.56 10.37 4.74
N GLU A 74 10.90 10.32 4.86
CA GLU A 74 11.75 10.14 3.67
C GLU A 74 11.48 8.80 3.01
N LEU A 75 11.42 7.74 3.79
CA LEU A 75 11.19 6.42 3.21
C LEU A 75 9.80 6.34 2.61
N SER A 76 8.82 7.00 3.23
CA SER A 76 7.46 7.00 2.70
C SER A 76 7.40 7.73 1.37
N THR A 77 8.10 8.85 1.27
CA THR A 77 8.19 9.57 0.02
C THR A 77 8.67 8.66 -1.13
N LYS A 78 9.73 7.88 -0.88
CA LYS A 78 10.25 6.98 -1.91
C LYS A 78 9.24 5.89 -2.25
N CYS A 79 8.49 5.44 -1.26
CA CYS A 79 7.52 4.39 -1.52
C CYS A 79 6.35 4.92 -2.33
N ILE A 80 5.97 6.20 -2.13
CA ILE A 80 4.93 6.81 -2.95
C ILE A 80 5.36 6.84 -4.41
N ILE A 81 6.62 7.22 -4.66
CA ILE A 81 7.14 7.19 -6.01
C ILE A 81 7.06 5.79 -6.60
N LYS A 82 7.39 4.76 -5.79
CA LYS A 82 7.31 3.39 -6.28
C LYS A 82 5.89 2.95 -6.49
N THR A 83 4.96 3.50 -5.70
CA THR A 83 3.55 3.14 -5.89
C THR A 83 3.02 3.73 -7.19
N VAL A 84 3.46 4.95 -7.55
CA VAL A 84 3.13 5.51 -8.85
C VAL A 84 3.70 4.65 -9.97
N GLU A 85 4.95 4.19 -9.84
CA GLU A 85 5.52 3.34 -10.89
C GLU A 85 4.79 2.00 -11.02
N PHE A 86 4.38 1.43 -9.88
CA PHE A 86 3.51 0.25 -9.90
C PHE A 86 2.21 0.52 -10.64
N ALA A 87 1.55 1.66 -10.32
CA ALA A 87 0.26 1.96 -10.93
C ALA A 87 0.36 2.03 -12.45
N LYS A 88 1.41 2.69 -12.96
CA LYS A 88 1.53 2.85 -14.40
C LYS A 88 1.71 1.54 -15.14
N GLN A 89 2.20 0.51 -14.46
CA GLN A 89 2.34 -0.78 -15.09
C GLN A 89 1.06 -1.61 -15.06
N LEU A 90 0.04 -1.19 -14.32
CA LEU A 90 -1.18 -1.96 -14.29
C LEU A 90 -1.91 -1.75 -15.61
N PRO A 91 -2.31 -2.82 -16.28
CA PRO A 91 -2.91 -2.67 -17.61
C PRO A 91 -4.10 -1.74 -17.55
N GLY A 92 -4.11 -0.76 -18.45
CA GLY A 92 -5.20 0.17 -18.58
C GLY A 92 -5.06 1.42 -17.75
N PHE A 93 -4.26 1.41 -16.68
CA PHE A 93 -4.24 2.54 -15.78
C PHE A 93 -3.94 3.83 -16.52
N THR A 94 -2.94 3.80 -17.40
CA THR A 94 -2.56 5.02 -18.10
C THR A 94 -3.52 5.37 -19.22
N THR A 95 -4.51 4.53 -19.52
CA THR A 95 -5.55 4.92 -20.45
C THR A 95 -6.66 5.71 -19.76
N LEU A 96 -6.74 5.67 -18.43
CA LEU A 96 -7.60 6.62 -17.74
C LEU A 96 -7.12 8.05 -17.98
N THR A 97 -8.02 9.00 -17.81
CA THR A 97 -7.61 10.39 -17.86
C THR A 97 -6.61 10.66 -16.73
N ILE A 98 -5.76 11.66 -16.94
CA ILE A 98 -4.79 12.02 -15.90
C ILE A 98 -5.50 12.42 -14.63
N ALA A 99 -6.59 13.19 -14.75
CA ALA A 99 -7.34 13.58 -13.57
C ALA A 99 -7.71 12.35 -12.74
N ASP A 100 -8.23 11.31 -13.40
CA ASP A 100 -8.64 10.13 -12.63
C ASP A 100 -7.45 9.32 -12.12
N GLN A 101 -6.34 9.26 -12.87
CA GLN A 101 -5.14 8.62 -12.34
C GLN A 101 -4.72 9.27 -11.06
N ILE A 102 -4.74 10.61 -11.03
CA ILE A 102 -4.35 11.33 -9.80
C ILE A 102 -5.38 11.11 -8.69
N THR A 103 -6.68 11.17 -9.03
CA THR A 103 -7.68 10.93 -8.01
C THR A 103 -7.48 9.56 -7.36
N LEU A 104 -7.26 8.54 -8.18
CA LEU A 104 -7.11 7.20 -7.68
C LEU A 104 -5.86 7.08 -6.80
N LEU A 105 -4.74 7.67 -7.24
CA LEU A 105 -3.52 7.56 -6.47
C LEU A 105 -3.66 8.26 -5.14
N LYS A 106 -4.30 9.43 -5.12
CA LYS A 106 -4.42 10.13 -3.85
C LYS A 106 -5.32 9.37 -2.88
N ALA A 107 -6.43 8.80 -3.39
CA ALA A 107 -7.38 8.15 -2.51
C ALA A 107 -6.82 6.83 -1.96
N ALA A 108 -5.91 6.20 -2.68
CA ALA A 108 -5.36 4.92 -2.26
C ALA A 108 -3.98 5.06 -1.61
N CYS A 109 -3.42 6.27 -1.57
CA CYS A 109 -2.05 6.45 -1.08
C CYS A 109 -1.80 5.76 0.28
N LEU A 110 -2.56 6.13 1.32
CA LEU A 110 -2.33 5.53 2.65
C LEU A 110 -2.66 4.05 2.68
N ASP A 111 -3.75 3.67 2.02
CA ASP A 111 -4.13 2.26 1.87
C ASP A 111 -2.92 1.40 1.45
N ILE A 112 -2.27 1.81 0.36
CA ILE A 112 -1.22 1.02 -0.24
C ILE A 112 0.05 1.09 0.61
N LEU A 113 0.37 2.27 1.15
CA LEU A 113 1.50 2.38 2.06
C LEU A 113 1.32 1.46 3.27
N ILE A 114 0.13 1.46 3.85
CA ILE A 114 -0.08 0.68 5.06
C ILE A 114 -0.05 -0.80 4.73
N LEU A 115 -0.66 -1.21 3.62
CA LEU A 115 -0.62 -2.62 3.24
C LEU A 115 0.84 -3.07 3.02
N ARG A 116 1.61 -2.24 2.33
CA ARG A 116 3.00 -2.58 2.04
C ARG A 116 3.79 -2.76 3.32
N ILE A 117 3.71 -1.80 4.25
CA ILE A 117 4.53 -1.96 5.44
C ILE A 117 4.03 -3.14 6.24
N CYS A 118 2.72 -3.40 6.24
CA CYS A 118 2.21 -4.56 6.96
C CYS A 118 2.64 -5.89 6.35
N THR A 119 3.05 -5.94 5.08
CA THR A 119 3.64 -7.17 4.53
C THR A 119 5.11 -7.31 4.82
N ARG A 120 5.68 -6.37 5.58
CA ARG A 120 7.08 -6.42 6.03
C ARG A 120 7.19 -6.65 7.52
N TYR A 121 6.20 -7.34 8.09
CA TYR A 121 6.13 -7.60 9.52
C TYR A 121 6.80 -8.91 9.86
N THR A 122 7.71 -8.89 10.83
CA THR A 122 8.32 -10.08 11.38
C THR A 122 7.72 -10.40 12.73
N PRO A 123 6.89 -11.42 12.87
CA PRO A 123 6.16 -11.56 14.16
C PRO A 123 7.06 -11.86 15.34
N GLU A 124 8.14 -12.63 15.17
CA GLU A 124 8.88 -13.06 16.34
C GLU A 124 9.71 -11.92 16.94
N GLN A 125 9.89 -10.84 16.20
CA GLN A 125 10.53 -9.63 16.71
C GLN A 125 9.58 -8.45 16.78
N ASP A 126 8.33 -8.63 16.32
CA ASP A 126 7.32 -7.55 16.34
C ASP A 126 7.89 -6.29 15.69
N THR A 127 8.47 -6.46 14.48
CA THR A 127 9.08 -5.38 13.76
C THR A 127 8.47 -5.29 12.37
N MET A 128 8.62 -4.09 11.80
CA MET A 128 8.36 -3.73 10.41
C MET A 128 9.66 -3.26 9.75
N THR A 129 9.87 -3.69 8.51
CA THR A 129 11.12 -3.42 7.80
C THR A 129 10.82 -2.63 6.54
N PHE A 130 11.48 -1.47 6.42
CA PHE A 130 11.37 -0.56 5.29
C PHE A 130 12.30 -0.95 4.16
N SER A 131 12.10 -0.31 3.00
CA SER A 131 12.77 -0.76 1.78
C SER A 131 14.28 -0.53 1.79
N ASP A 132 14.82 0.27 2.71
CA ASP A 132 16.28 0.36 2.81
C ASP A 132 16.83 -0.62 3.84
N GLY A 133 15.96 -1.44 4.43
CA GLY A 133 16.32 -2.36 5.50
C GLY A 133 16.06 -1.87 6.92
N LEU A 134 15.77 -0.59 7.10
CA LEU A 134 15.46 -0.07 8.43
C LEU A 134 14.33 -0.85 9.07
N THR A 135 14.57 -1.35 10.29
CA THR A 135 13.68 -2.30 10.94
C THR A 135 13.30 -1.68 12.29
N LEU A 136 12.02 -1.33 12.44
CA LEU A 136 11.54 -0.69 13.66
C LEU A 136 10.60 -1.61 14.44
N ASN A 137 10.72 -1.60 15.78
CA ASN A 137 9.80 -2.38 16.59
C ASN A 137 8.54 -1.54 16.82
N ARG A 138 7.63 -2.03 17.67
CA ARG A 138 6.34 -1.37 17.88
C ARG A 138 6.51 0.00 18.54
N THR A 139 7.31 0.09 19.59
CA THR A 139 7.48 1.40 20.24
C THR A 139 8.06 2.43 19.28
N GLN A 140 8.96 2.00 18.39
CA GLN A 140 9.61 2.91 17.46
C GLN A 140 8.67 3.33 16.34
N MET A 141 7.84 2.41 15.84
CA MET A 141 6.80 2.75 14.89
C MET A 141 5.85 3.77 15.49
N HIS A 142 5.48 3.55 16.75
CA HIS A 142 4.65 4.49 17.51
C HIS A 142 5.24 5.88 17.48
N HIS A 143 6.54 5.99 17.81
CA HIS A 143 7.25 7.26 17.89
C HIS A 143 7.67 7.81 16.53
N ALA A 144 7.63 7.04 15.46
CA ALA A 144 7.88 7.56 14.13
C ALA A 144 6.69 8.34 13.58
N GLY A 145 5.51 8.15 14.15
CA GLY A 145 4.33 8.83 13.65
C GLY A 145 3.05 8.05 13.75
N PHE A 146 3.06 6.71 13.86
CA PHE A 146 1.78 6.01 13.96
C PHE A 146 1.00 6.39 15.22
N GLY A 147 1.70 6.74 16.29
CA GLY A 147 1.03 7.21 17.48
C GLY A 147 -0.08 6.27 17.94
N PRO A 148 -1.29 6.82 18.14
CA PRO A 148 -2.39 5.96 18.62
C PRO A 148 -2.85 4.93 17.61
N LEU A 149 -2.40 4.97 16.36
CA LEU A 149 -2.82 3.95 15.39
C LEU A 149 -1.88 2.75 15.33
N THR A 150 -0.85 2.72 16.18
CA THR A 150 0.15 1.67 16.08
C THR A 150 -0.48 0.29 16.29
N ASP A 151 -1.24 0.10 17.38
CA ASP A 151 -1.75 -1.24 17.67
C ASP A 151 -2.70 -1.70 16.56
N LEU A 152 -3.49 -0.77 16.01
CA LEU A 152 -4.38 -1.11 14.91
C LEU A 152 -3.61 -1.62 13.71
N VAL A 153 -2.52 -0.93 13.35
CA VAL A 153 -1.79 -1.30 12.15
C VAL A 153 -1.07 -2.63 12.36
N PHE A 154 -0.44 -2.81 13.53
CA PHE A 154 0.24 -4.06 13.87
C PHE A 154 -0.75 -5.21 13.95
N ALA A 155 -1.98 -4.95 14.42
CA ALA A 155 -3.02 -6.00 14.41
C ALA A 155 -3.33 -6.46 12.98
N PHE A 156 -3.45 -5.51 12.06
CA PHE A 156 -3.75 -5.82 10.67
C PHE A 156 -2.64 -6.65 10.04
N ALA A 157 -1.38 -6.28 10.31
CA ALA A 157 -0.25 -7.09 9.83
C ALA A 157 -0.29 -8.52 10.37
N ASN A 158 -0.65 -8.69 11.64
CA ASN A 158 -0.79 -10.04 12.20
C ASN A 158 -1.91 -10.81 11.51
N GLN A 159 -2.99 -10.13 11.15
CA GLN A 159 -4.11 -10.72 10.43
C GLN A 159 -3.75 -11.17 9.02
N LEU A 160 -2.81 -10.47 8.39
CA LEU A 160 -2.39 -10.86 7.04
C LEU A 160 -1.59 -12.16 7.05
N LEU A 161 -0.81 -12.41 8.10
CA LEU A 161 0.10 -13.54 8.09
C LEU A 161 -0.57 -14.87 7.75
N PRO A 162 -1.67 -15.26 8.38
CA PRO A 162 -2.26 -16.57 8.07
C PRO A 162 -2.78 -16.67 6.66
N LEU A 163 -2.87 -15.57 5.92
CA LEU A 163 -3.25 -15.64 4.51
C LEU A 163 -2.09 -16.09 3.64
N GLU A 164 -0.86 -15.94 4.12
CA GLU A 164 0.31 -16.44 3.40
C GLU A 164 0.34 -15.91 1.97
N MET A 165 0.13 -14.62 1.84
CA MET A 165 0.06 -14.02 0.51
C MET A 165 1.43 -14.05 -0.16
N ASP A 166 1.45 -14.35 -1.45
CA ASP A 166 2.63 -14.22 -2.27
C ASP A 166 2.59 -12.89 -3.01
N ASP A 167 3.64 -12.61 -3.82
CA ASP A 167 3.74 -11.32 -4.50
C ASP A 167 2.57 -11.09 -5.45
N ALA A 168 2.14 -12.13 -6.16
CA ALA A 168 1.01 -11.96 -7.07
C ALA A 168 -0.24 -11.52 -6.31
N GLU A 169 -0.46 -12.12 -5.13
CA GLU A 169 -1.66 -11.82 -4.34
C GLU A 169 -1.59 -10.41 -3.73
N THR A 170 -0.44 -10.05 -3.16
CA THR A 170 -0.28 -8.72 -2.59
C THR A 170 -0.39 -7.68 -3.68
N GLY A 171 0.18 -7.97 -4.85
CA GLY A 171 0.11 -7.05 -5.96
C GLY A 171 -1.31 -6.86 -6.46
N LEU A 172 -2.05 -7.97 -6.57
CA LEU A 172 -3.43 -7.87 -7.02
C LEU A 172 -4.30 -7.14 -6.01
N LEU A 173 -4.14 -7.46 -4.73
CA LEU A 173 -4.87 -6.68 -3.73
C LEU A 173 -4.54 -5.21 -3.81
N SER A 174 -3.26 -4.87 -3.97
CA SER A 174 -2.89 -3.46 -4.12
C SER A 174 -3.58 -2.83 -5.31
N ALA A 175 -3.60 -3.55 -6.44
CA ALA A 175 -4.21 -3.04 -7.65
C ALA A 175 -5.73 -2.88 -7.49
N ILE A 176 -6.37 -3.91 -6.96
CA ILE A 176 -7.81 -3.84 -6.67
C ILE A 176 -8.12 -2.66 -5.75
N CYS A 177 -7.30 -2.44 -4.74
CA CYS A 177 -7.56 -1.32 -3.85
C CYS A 177 -7.39 0.02 -4.58
N LEU A 178 -6.41 0.10 -5.50
CA LEU A 178 -6.13 1.33 -6.26
C LEU A 178 -7.19 1.62 -7.32
N ILE A 179 -7.62 0.59 -8.04
CA ILE A 179 -8.49 0.79 -9.18
C ILE A 179 -9.92 0.57 -8.71
N CYS A 180 -10.48 1.60 -8.08
CA CYS A 180 -11.72 1.50 -7.35
C CYS A 180 -12.62 2.59 -7.88
N GLY A 181 -13.72 2.17 -8.52
CA GLY A 181 -14.67 3.09 -9.17
C GLY A 181 -15.57 3.90 -8.25
N ASP A 182 -15.47 3.76 -6.93
CA ASP A 182 -16.28 4.56 -6.01
C ASP A 182 -15.53 5.71 -5.32
N ARG A 183 -14.32 6.06 -5.77
CA ARG A 183 -13.68 7.22 -5.16
C ARG A 183 -14.43 8.49 -5.56
N GLN A 184 -14.46 9.46 -4.66
CA GLN A 184 -15.08 10.72 -5.02
C GLN A 184 -14.28 11.45 -6.11
N ASP A 185 -15.05 12.11 -6.98
CA ASP A 185 -14.62 13.03 -8.04
C ASP A 185 -13.99 12.33 -9.22
N LEU A 186 -14.22 11.03 -9.37
CA LEU A 186 -13.80 10.38 -10.61
C LEU A 186 -14.65 10.89 -11.76
N GLU A 187 -13.98 11.16 -12.89
CA GLU A 187 -14.69 11.56 -14.11
C GLU A 187 -15.34 10.36 -14.80
N GLN A 188 -14.66 9.21 -14.90
CA GLN A 188 -15.25 8.05 -15.56
C GLN A 188 -15.28 6.83 -14.64
N PRO A 189 -16.13 6.85 -13.60
CA PRO A 189 -16.11 5.74 -12.64
C PRO A 189 -16.44 4.40 -13.25
N ASP A 190 -17.29 4.36 -14.30
CA ASP A 190 -17.62 3.09 -14.94
C ASP A 190 -16.39 2.46 -15.61
N ARG A 191 -15.54 3.27 -16.23
CA ARG A 191 -14.31 2.78 -16.81
C ARG A 191 -13.38 2.23 -15.74
N VAL A 192 -13.31 2.91 -14.60
CA VAL A 192 -12.50 2.35 -13.52
C VAL A 192 -13.05 1.01 -13.06
N ASP A 193 -14.37 0.90 -12.82
CA ASP A 193 -14.91 -0.41 -12.42
C ASP A 193 -14.57 -1.47 -13.44
N MET A 194 -14.66 -1.14 -14.73
CA MET A 194 -14.38 -2.19 -15.72
C MET A 194 -12.89 -2.50 -15.83
N LEU A 195 -12.02 -1.58 -15.42
CA LEU A 195 -10.61 -1.96 -15.32
C LEU A 195 -10.36 -2.82 -14.08
N GLN A 196 -11.19 -2.67 -13.05
CA GLN A 196 -11.00 -3.45 -11.83
C GLN A 196 -11.50 -4.89 -11.99
N GLU A 197 -12.55 -5.11 -12.78
CA GLU A 197 -13.15 -6.45 -12.77
C GLU A 197 -12.21 -7.53 -13.27
N PRO A 198 -11.34 -7.30 -14.25
CA PRO A 198 -10.35 -8.34 -14.59
C PRO A 198 -9.38 -8.64 -13.46
N LEU A 199 -9.06 -7.63 -12.63
CA LEU A 199 -8.17 -7.88 -11.51
C LEU A 199 -8.83 -8.77 -10.48
N LEU A 200 -10.12 -8.53 -10.18
CA LEU A 200 -10.82 -9.40 -9.25
C LEU A 200 -10.92 -10.83 -9.75
N GLU A 201 -11.23 -10.99 -11.04
CA GLU A 201 -11.33 -12.34 -11.61
C GLU A 201 -9.98 -13.04 -11.64
N ALA A 202 -8.90 -12.28 -11.91
CA ALA A 202 -7.57 -12.87 -11.90
C ALA A 202 -7.22 -13.39 -10.51
N LEU A 203 -7.51 -12.58 -9.48
CA LEU A 203 -7.23 -12.96 -8.11
C LEU A 203 -8.05 -14.16 -7.71
N LYS A 204 -9.32 -14.18 -8.11
CA LYS A 204 -10.17 -15.31 -7.80
C LYS A 204 -9.62 -16.59 -8.40
N VAL A 205 -9.28 -16.55 -9.69
CA VAL A 205 -8.74 -17.73 -10.34
C VAL A 205 -7.41 -18.13 -9.70
N TYR A 206 -6.52 -17.17 -9.49
CA TYR A 206 -5.19 -17.47 -8.97
C TYR A 206 -5.24 -18.14 -7.60
N VAL A 207 -6.05 -17.58 -6.70
CA VAL A 207 -6.17 -18.13 -5.35
C VAL A 207 -6.77 -19.52 -5.35
N ARG A 208 -7.59 -19.86 -6.35
CA ARG A 208 -8.13 -21.21 -6.43
C ARG A 208 -7.08 -22.20 -6.88
N LYS A 209 -6.28 -21.83 -7.89
CA LYS A 209 -5.30 -22.73 -8.46
C LYS A 209 -4.08 -22.88 -7.56
N ARG A 210 -3.83 -21.92 -6.68
CA ARG A 210 -2.77 -22.01 -5.69
C ARG A 210 -3.21 -22.75 -4.42
N ARG A 211 -4.41 -22.47 -3.92
CA ARG A 211 -4.81 -22.82 -2.57
C ARG A 211 -6.15 -23.55 -2.58
N PRO A 212 -6.25 -24.67 -3.29
CA PRO A 212 -7.51 -25.42 -3.31
C PRO A 212 -7.98 -25.89 -1.94
N SER A 213 -7.08 -26.10 -0.97
CA SER A 213 -7.53 -26.41 0.37
C SER A 213 -8.06 -25.20 1.12
N ARG A 214 -7.91 -23.99 0.56
CA ARG A 214 -8.29 -22.74 1.22
C ARG A 214 -9.35 -22.08 0.34
N PRO A 215 -10.62 -22.53 0.44
CA PRO A 215 -11.60 -22.20 -0.59
C PRO A 215 -12.33 -20.88 -0.33
N HIS A 216 -12.39 -20.46 0.93
CA HIS A 216 -12.91 -19.12 1.24
C HIS A 216 -11.81 -18.07 1.23
N MET A 217 -10.70 -18.31 0.53
CA MET A 217 -9.59 -17.37 0.67
C MET A 217 -9.82 -16.08 -0.13
N PHE A 218 -10.53 -16.14 -1.25
CA PHE A 218 -10.83 -14.94 -2.03
C PHE A 218 -11.67 -13.94 -1.25
N PRO A 219 -12.87 -14.28 -0.76
CA PRO A 219 -13.63 -13.31 0.04
C PRO A 219 -12.91 -12.88 1.32
N LYS A 220 -12.08 -13.74 1.89
CA LYS A 220 -11.26 -13.38 3.03
C LYS A 220 -10.28 -12.30 2.66
N MET A 221 -9.62 -12.43 1.49
CA MET A 221 -8.68 -11.36 1.20
C MET A 221 -9.42 -10.07 0.82
N LEU A 222 -10.57 -10.17 0.16
CA LEU A 222 -11.27 -8.93 -0.19
C LEU A 222 -11.75 -8.21 1.05
N MET A 223 -12.07 -8.95 2.09
CA MET A 223 -12.52 -8.32 3.33
C MET A 223 -11.39 -7.53 3.98
N LYS A 224 -10.13 -7.90 3.72
CA LYS A 224 -9.00 -7.15 4.26
C LYS A 224 -8.89 -5.77 3.67
N ILE A 225 -9.25 -5.62 2.39
CA ILE A 225 -9.36 -4.31 1.79
C ILE A 225 -10.32 -3.43 2.56
N THR A 226 -11.46 -3.99 2.93
CA THR A 226 -12.43 -3.22 3.70
C THR A 226 -11.86 -2.85 5.07
N ASP A 227 -11.21 -3.81 5.75
CA ASP A 227 -10.49 -3.51 6.99
C ASP A 227 -9.45 -2.44 6.77
N LEU A 228 -8.77 -2.50 5.64
CA LEU A 228 -7.70 -1.57 5.36
C LEU A 228 -8.23 -0.16 5.12
N ARG A 229 -9.35 -0.03 4.41
CA ARG A 229 -9.97 1.29 4.23
C ARG A 229 -10.30 1.95 5.57
N SER A 230 -10.72 1.17 6.57
CA SER A 230 -11.08 1.74 7.87
C SER A 230 -9.86 2.32 8.58
N ILE A 231 -8.75 1.61 8.55
CA ILE A 231 -7.50 2.09 9.15
C ILE A 231 -7.01 3.33 8.44
N SER A 232 -7.09 3.32 7.11
CA SER A 232 -6.57 4.44 6.37
C SER A 232 -7.44 5.68 6.55
N ALA A 233 -8.75 5.50 6.76
CA ALA A 233 -9.59 6.64 7.12
C ALA A 233 -9.11 7.27 8.44
N LYS A 234 -8.79 6.44 9.42
CA LYS A 234 -8.26 6.97 10.67
C LYS A 234 -6.90 7.61 10.45
N GLY A 235 -6.09 7.03 9.54
CA GLY A 235 -4.78 7.61 9.28
C GLY A 235 -4.86 8.98 8.66
N ALA A 236 -5.84 9.20 7.79
CA ALA A 236 -6.05 10.53 7.21
C ALA A 236 -6.32 11.57 8.30
N GLU A 237 -7.07 11.19 9.32
CA GLU A 237 -7.24 12.02 10.52
C GLU A 237 -5.92 12.28 11.23
N ARG A 238 -5.12 11.23 11.41
CA ARG A 238 -3.83 11.34 12.09
C ARG A 238 -2.89 12.29 11.36
N VAL A 239 -3.02 12.38 10.03
CA VAL A 239 -2.14 13.24 9.25
C VAL A 239 -2.34 14.71 9.62
N ILE A 240 -3.58 15.10 9.89
CA ILE A 240 -3.86 16.48 10.33
C ILE A 240 -3.14 16.76 11.64
N THR A 241 -3.21 15.84 12.60
CA THR A 241 -2.51 16.04 13.86
C THR A 241 -0.99 16.05 13.64
N LEU A 242 -0.45 15.13 12.81
CA LEU A 242 0.99 15.15 12.56
C LEU A 242 1.45 16.50 12.01
N LYS A 243 0.69 17.07 11.07
CA LYS A 243 1.09 18.36 10.51
C LYS A 243 1.24 19.42 11.58
N MET A 244 0.40 19.38 12.62
CA MET A 244 0.48 20.34 13.68
C MET A 244 1.64 20.09 14.61
N GLU A 245 2.26 18.92 14.52
CA GLU A 245 3.26 18.47 15.48
C GLU A 245 4.69 18.43 14.92
N ILE A 246 4.86 18.17 13.63
CA ILE A 246 6.21 18.05 13.08
C ILE A 246 6.84 19.44 13.00
N PRO A 247 8.18 19.53 12.99
CA PRO A 247 8.81 20.86 12.98
C PRO A 247 8.46 21.70 11.76
N GLY A 248 8.66 21.19 10.56
CA GLY A 248 8.46 22.02 9.39
C GLY A 248 7.22 21.65 8.60
N SER A 249 7.40 21.40 7.31
CA SER A 249 6.35 21.00 6.41
C SER A 249 6.45 19.52 6.07
N MET A 250 5.33 18.90 5.78
CA MET A 250 5.37 17.62 5.11
C MET A 250 6.22 17.71 3.84
N PRO A 251 6.95 16.66 3.48
CA PRO A 251 7.59 16.66 2.15
C PRO A 251 6.58 17.00 1.07
N PRO A 252 6.99 17.72 0.01
CA PRO A 252 6.04 18.14 -1.04
C PRO A 252 5.17 17.05 -1.64
N LEU A 253 5.73 15.89 -1.98
CA LEU A 253 4.93 14.88 -2.64
C LEU A 253 3.87 14.32 -1.68
N ILE A 254 4.20 14.18 -0.40
CA ILE A 254 3.23 13.74 0.59
C ILE A 254 2.09 14.75 0.73
N GLN A 255 2.41 16.05 0.76
CA GLN A 255 1.36 17.07 0.71
C GLN A 255 0.45 16.87 -0.49
N GLU A 256 1.02 16.75 -1.69
CA GLU A 256 0.21 16.51 -2.88
C GLU A 256 -0.72 15.31 -2.69
N MET A 257 -0.18 14.19 -2.19
CA MET A 257 -0.96 12.96 -2.13
C MET A 257 -2.06 13.04 -1.09
N LEU A 258 -1.82 13.74 0.02
CA LEU A 258 -2.64 13.68 1.18
C LEU A 258 -3.34 14.99 1.46
N HIS B 2 -0.88 19.67 -8.57
CA HIS B 2 -0.21 18.41 -8.28
C HIS B 2 1.04 18.24 -9.14
N LYS B 3 1.99 19.18 -9.01
CA LYS B 3 3.09 19.25 -9.98
C LYS B 3 3.91 17.97 -9.99
N ILE B 4 4.38 17.54 -8.82
CA ILE B 4 5.26 16.39 -8.80
C ILE B 4 4.53 15.19 -9.37
N LEU B 5 3.26 15.04 -9.04
CA LEU B 5 2.54 13.85 -9.45
C LEU B 5 2.38 13.79 -10.96
N HIS B 6 2.10 14.95 -11.62
CA HIS B 6 2.06 15.00 -13.08
C HIS B 6 3.38 14.55 -13.68
N ARG B 7 4.48 15.10 -13.17
CA ARG B 7 5.78 14.72 -13.69
C ARG B 7 5.97 13.21 -13.59
N LEU B 8 5.62 12.62 -12.43
CA LEU B 8 5.78 11.19 -12.23
C LEU B 8 4.95 10.39 -13.22
N LEU B 9 3.78 10.88 -13.58
CA LEU B 9 2.88 10.11 -14.41
C LEU B 9 3.24 10.24 -15.90
N GLN B 10 3.91 11.32 -16.29
CA GLN B 10 4.28 11.55 -17.70
C GLN B 10 5.78 11.36 -17.95
#